data_6C3N
#
_entry.id   6C3N
#
_cell.length_a   34.103
_cell.length_b   85.065
_cell.length_c   117.750
_cell.angle_alpha   90.000
_cell.angle_beta   90.000
_cell.angle_gamma   90.000
#
_symmetry.space_group_name_H-M   'P 21 21 21'
#
loop_
_entity.id
_entity.type
_entity.pdbx_description
1 polymer 'B-cell lymphoma 6 protein'
2 non-polymer "N-(2-phenylethyl)-N'-pyridin-3-ylthiourea"
3 water water
#
_entity_poly.entity_id   1
_entity_poly.type   'polypeptide(L)'
_entity_poly.pdbx_seq_one_letter_code
;GSMASPADSQIQFTRHASDVLLNLNRLRSRDILTDVVIVVSREQFRAHKTVLMACSGLFYSIFTDQLKRNLSVINLDPEI
NPEGFNILLDFMYTSRLNLRVGNIMAVMATAMYLQMEHVVDTCRKFIKASE
;
_entity_poly.pdbx_strand_id   A,B
#
loop_
_chem_comp.id
_chem_comp.type
_chem_comp.name
_chem_comp.formula
EHY non-polymer N-(2-phenylethyl)-N'-pyridin-3-ylthiourea 'C14 H15 N3 S'
#
# COMPACT_ATOMS: atom_id res chain seq x y z
N SER A 9 -3.75 22.82 -1.03
CA SER A 9 -2.47 23.50 -1.22
C SER A 9 -1.38 22.97 -0.29
N GLN A 10 -1.48 21.69 0.07
CA GLN A 10 -0.40 21.03 0.80
C GLN A 10 0.72 20.66 -0.16
N ILE A 11 1.94 20.59 0.36
CA ILE A 11 3.07 20.25 -0.50
C ILE A 11 3.01 18.79 -0.88
N GLN A 12 3.08 18.52 -2.18
CA GLN A 12 2.87 17.19 -2.75
C GLN A 12 4.20 16.53 -3.11
N PHE A 13 4.31 15.24 -2.83
CA PHE A 13 5.48 14.44 -3.15
C PHE A 13 5.14 13.57 -4.36
N THR A 14 5.64 13.96 -5.52
CA THR A 14 5.19 13.39 -6.78
C THR A 14 5.47 11.89 -6.87
N ARG A 15 6.56 11.43 -6.24
CA ARG A 15 6.98 10.05 -6.36
C ARG A 15 6.56 9.18 -5.17
N HIS A 16 5.98 9.76 -4.12
CA HIS A 16 5.79 9.02 -2.88
C HIS A 16 4.87 7.82 -3.07
N ALA A 17 3.80 7.98 -3.84
CA ALA A 17 2.82 6.90 -4.00
C ALA A 17 3.46 5.69 -4.68
N SER A 18 4.22 5.90 -5.75
CA SER A 18 4.83 4.79 -6.46
C SER A 18 6.00 4.22 -5.66
N ASP A 19 6.69 5.05 -4.87
CA ASP A 19 7.75 4.52 -4.01
C ASP A 19 7.20 3.63 -2.91
N VAL A 20 5.96 3.88 -2.46
CA VAL A 20 5.34 3.01 -1.48
C VAL A 20 4.99 1.66 -2.10
N LEU A 21 4.39 1.68 -3.30
CA LEU A 21 4.06 0.44 -3.99
C LEU A 21 5.30 -0.39 -4.26
N LEU A 22 6.40 0.27 -4.62
CA LEU A 22 7.66 -0.41 -4.85
C LEU A 22 8.13 -1.12 -3.59
N ASN A 23 8.11 -0.41 -2.46
CA ASN A 23 8.52 -1.01 -1.19
C ASN A 23 7.57 -2.13 -0.77
N LEU A 24 6.26 -1.96 -1.03
CA LEU A 24 5.30 -3.01 -0.71
C LEU A 24 5.59 -4.27 -1.52
N ASN A 25 5.94 -4.11 -2.80
CA ASN A 25 6.31 -5.26 -3.60
C ASN A 25 7.57 -5.93 -3.04
N ARG A 26 8.52 -5.13 -2.58
CA ARG A 26 9.72 -5.67 -1.95
C ARG A 26 9.36 -6.50 -0.71
N LEU A 27 8.45 -5.98 0.12
CA LEU A 27 8.02 -6.74 1.29
C LEU A 27 7.35 -8.04 0.88
N ARG A 28 6.63 -8.03 -0.24
CA ARG A 28 6.06 -9.28 -0.76
C ARG A 28 7.14 -10.21 -1.26
N SER A 29 8.15 -9.66 -1.95
CA SER A 29 9.23 -10.49 -2.48
C SER A 29 10.00 -11.18 -1.36
N ARG A 30 10.11 -10.54 -0.20
CA ARG A 30 10.78 -11.14 0.95
C ARG A 30 9.82 -11.83 1.90
N ASP A 31 8.51 -11.80 1.61
CA ASP A 31 7.48 -12.46 2.41
C ASP A 31 7.45 -11.89 3.82
N ILE A 32 7.38 -10.57 3.91
CA ILE A 32 7.36 -9.84 5.17
C ILE A 32 5.95 -9.33 5.41
N LEU A 33 5.31 -9.84 6.46
CA LEU A 33 4.00 -9.40 6.94
C LEU A 33 2.88 -9.69 5.95
N THR A 34 3.12 -10.57 4.98
CA THR A 34 2.02 -11.08 4.17
C THR A 34 1.09 -11.90 5.05
N ASP A 35 -0.21 -11.80 4.78
CA ASP A 35 -1.20 -12.33 5.70
C ASP A 35 -2.27 -13.17 5.01
N VAL A 36 -2.03 -13.61 3.78
CA VAL A 36 -3.01 -14.44 3.07
C VAL A 36 -2.30 -15.20 1.96
N VAL A 37 -2.76 -16.42 1.73
CA VAL A 37 -2.36 -17.22 0.58
C VAL A 37 -3.56 -17.28 -0.37
N ILE A 38 -3.34 -16.94 -1.63
CA ILE A 38 -4.34 -17.09 -2.68
C ILE A 38 -4.04 -18.38 -3.44
N VAL A 39 -4.99 -19.30 -3.46
CA VAL A 39 -4.84 -20.58 -4.13
C VAL A 39 -5.62 -20.53 -5.44
N VAL A 40 -4.91 -20.74 -6.54
CA VAL A 40 -5.49 -20.73 -7.88
C VAL A 40 -5.17 -22.08 -8.51
N SER A 41 -6.19 -22.95 -8.59
CA SER A 41 -6.00 -24.33 -9.01
C SER A 41 -4.92 -24.98 -8.16
N ARG A 42 -3.72 -25.14 -8.73
CA ARG A 42 -2.60 -25.69 -8.00
C ARG A 42 -1.68 -24.63 -7.39
N GLU A 43 -1.62 -23.45 -7.99
CA GLU A 43 -0.61 -22.46 -7.62
C GLU A 43 -1.05 -21.67 -6.39
N GLN A 44 -0.06 -21.21 -5.64
CA GLN A 44 -0.27 -20.40 -4.45
C GLN A 44 0.44 -19.07 -4.60
N PHE A 45 -0.25 -17.99 -4.18
CA PHE A 45 0.29 -16.64 -4.26
C PHE A 45 0.07 -15.97 -2.91
N ARG A 46 1.16 -15.58 -2.26
CA ARG A 46 1.09 -14.88 -0.98
C ARG A 46 1.10 -13.37 -1.22
N ALA A 47 0.32 -12.65 -0.43
CA ALA A 47 0.13 -11.22 -0.65
C ALA A 47 -0.33 -10.57 0.65
N HIS A 48 -0.48 -9.25 0.59
CA HIS A 48 -1.04 -8.47 1.69
C HIS A 48 -2.51 -8.20 1.41
N LYS A 49 -3.36 -8.51 2.38
CA LYS A 49 -4.80 -8.29 2.21
C LYS A 49 -5.10 -6.86 1.79
N THR A 50 -4.43 -5.89 2.44
CA THR A 50 -4.72 -4.49 2.20
C THR A 50 -4.53 -4.13 0.73
N VAL A 51 -3.42 -4.57 0.13
CA VAL A 51 -3.18 -4.32 -1.28
C VAL A 51 -4.23 -5.02 -2.12
N LEU A 52 -4.63 -6.23 -1.69
CA LEU A 52 -5.57 -7.03 -2.49
C LEU A 52 -6.92 -6.33 -2.60
N MET A 53 -7.43 -5.80 -1.49
CA MET A 53 -8.74 -5.16 -1.52
C MET A 53 -8.70 -3.72 -2.02
N ALA A 54 -7.53 -3.10 -2.05
CA ALA A 54 -7.39 -1.79 -2.66
C ALA A 54 -7.36 -1.84 -4.18
N CYS A 55 -7.20 -3.02 -4.78
CA CYS A 55 -7.13 -3.17 -6.23
C CYS A 55 -8.27 -3.97 -6.82
N SER A 56 -8.84 -4.92 -6.09
CA SER A 56 -9.82 -5.85 -6.63
C SER A 56 -11.16 -5.68 -5.92
N GLY A 57 -12.24 -5.60 -6.70
CA GLY A 57 -13.57 -5.51 -6.11
C GLY A 57 -14.03 -6.79 -5.44
N LEU A 58 -13.50 -7.94 -5.87
CA LEU A 58 -13.85 -9.20 -5.24
C LEU A 58 -13.15 -9.36 -3.89
N PHE A 59 -11.85 -9.11 -3.85
CA PHE A 59 -11.14 -9.17 -2.58
C PHE A 59 -11.65 -8.11 -1.62
N TYR A 60 -12.09 -6.96 -2.14
CA TYR A 60 -12.70 -5.95 -1.29
C TYR A 60 -13.93 -6.51 -0.59
N SER A 61 -14.85 -7.11 -1.35
CA SER A 61 -16.08 -7.61 -0.76
C SER A 61 -15.83 -8.79 0.17
N ILE A 62 -14.71 -9.49 0.02
CA ILE A 62 -14.39 -10.60 0.92
C ILE A 62 -13.89 -10.08 2.25
N PHE A 63 -12.90 -9.19 2.22
CA PHE A 63 -12.25 -8.76 3.46
C PHE A 63 -12.99 -7.61 4.14
N THR A 64 -13.90 -6.93 3.44
CA THR A 64 -14.73 -5.93 4.09
C THR A 64 -15.73 -6.57 5.05
N ASP A 65 -16.00 -7.87 4.88
CA ASP A 65 -16.88 -8.61 5.77
C ASP A 65 -16.08 -9.06 6.99
N GLN A 66 -16.51 -8.64 8.17
CA GLN A 66 -15.80 -8.97 9.39
C GLN A 66 -15.73 -10.47 9.63
N LEU A 67 -16.65 -11.24 9.04
CA LEU A 67 -16.65 -12.69 9.20
C LEU A 67 -15.52 -13.35 8.42
N LYS A 68 -15.13 -12.77 7.28
CA LYS A 68 -14.12 -13.35 6.42
C LYS A 68 -12.79 -12.59 6.50
N ARG A 69 -12.71 -11.54 7.32
CA ARG A 69 -11.54 -10.68 7.31
C ARG A 69 -10.29 -11.37 7.85
N ASN A 70 -10.44 -12.43 8.64
CA ASN A 70 -9.30 -13.08 9.26
C ASN A 70 -8.82 -14.31 8.51
N LEU A 71 -9.43 -14.62 7.36
CA LEU A 71 -9.02 -15.79 6.59
C LEU A 71 -7.59 -15.63 6.09
N SER A 72 -6.81 -16.69 6.20
CA SER A 72 -5.44 -16.70 5.69
C SER A 72 -5.30 -17.45 4.38
N VAL A 73 -6.36 -18.06 3.88
CA VAL A 73 -6.33 -18.80 2.62
C VAL A 73 -7.61 -18.49 1.85
N ILE A 74 -7.46 -18.12 0.58
CA ILE A 74 -8.60 -17.91 -0.31
C ILE A 74 -8.45 -18.83 -1.51
N ASN A 75 -9.47 -19.65 -1.75
CA ASN A 75 -9.51 -20.51 -2.92
C ASN A 75 -10.34 -19.83 -3.99
N LEU A 76 -9.67 -19.40 -5.07
CA LEU A 76 -10.40 -18.84 -6.19
C LEU A 76 -11.16 -19.94 -6.93
N ASP A 77 -11.97 -19.52 -7.89
CA ASP A 77 -12.76 -20.46 -8.67
C ASP A 77 -11.83 -21.37 -9.47
N PRO A 78 -12.22 -22.64 -9.66
CA PRO A 78 -11.35 -23.56 -10.43
C PRO A 78 -11.17 -23.14 -11.87
N GLU A 79 -12.08 -22.36 -12.43
CA GLU A 79 -11.95 -21.91 -13.82
C GLU A 79 -10.87 -20.86 -14.00
N ILE A 80 -10.37 -20.26 -12.93
CA ILE A 80 -9.51 -19.08 -13.06
C ILE A 80 -8.10 -19.51 -13.44
N ASN A 81 -7.58 -18.91 -14.52
CA ASN A 81 -6.23 -19.21 -15.01
C ASN A 81 -5.21 -18.76 -13.99
N PRO A 82 -4.28 -19.64 -13.57
CA PRO A 82 -3.27 -19.20 -12.60
C PRO A 82 -2.31 -18.16 -13.15
N GLU A 83 -1.92 -18.29 -14.42
CA GLU A 83 -1.01 -17.31 -15.01
C GLU A 83 -1.68 -15.96 -15.20
N GLY A 84 -3.00 -15.95 -15.44
CA GLY A 84 -3.72 -14.69 -15.52
C GLY A 84 -3.77 -13.98 -14.18
N PHE A 85 -4.01 -14.73 -13.10
CA PHE A 85 -3.97 -14.11 -11.78
C PHE A 85 -2.58 -13.63 -11.43
N ASN A 86 -1.55 -14.36 -11.87
CA ASN A 86 -0.19 -13.94 -11.58
C ASN A 86 0.12 -12.61 -12.27
N ILE A 87 -0.38 -12.42 -13.49
CA ILE A 87 -0.19 -11.16 -14.19
C ILE A 87 -0.90 -10.03 -13.47
N LEU A 88 -2.15 -10.28 -13.06
CA LEU A 88 -2.92 -9.22 -12.40
C LEU A 88 -2.38 -8.92 -11.01
N LEU A 89 -1.88 -9.93 -10.30
CA LEU A 89 -1.31 -9.69 -8.98
C LEU A 89 -0.05 -8.83 -9.08
N ASP A 90 0.82 -9.13 -10.04
CA ASP A 90 2.01 -8.31 -10.22
C ASP A 90 1.64 -6.90 -10.69
N PHE A 91 0.54 -6.75 -11.40
CA PHE A 91 0.08 -5.42 -11.75
C PHE A 91 -0.31 -4.63 -10.51
N MET A 92 -0.96 -5.29 -9.54
CA MET A 92 -1.38 -4.62 -8.32
C MET A 92 -0.19 -3.96 -7.61
N TYR A 93 0.97 -4.61 -7.66
CA TYR A 93 2.15 -4.18 -6.94
C TYR A 93 3.10 -3.33 -7.77
N THR A 94 2.81 -3.08 -9.04
CA THR A 94 3.75 -2.39 -9.92
C THR A 94 3.15 -1.35 -10.84
N SER A 95 1.82 -1.28 -10.98
CA SER A 95 1.12 -0.42 -11.93
C SER A 95 1.41 -0.77 -13.39
N ARG A 96 2.06 -1.90 -13.65
CA ARG A 96 2.46 -2.27 -15.02
C ARG A 96 1.75 -3.58 -15.39
N LEU A 97 0.91 -3.51 -16.42
CA LEU A 97 0.11 -4.65 -16.87
C LEU A 97 0.70 -5.20 -18.18
N ASN A 98 0.90 -6.50 -18.22
CA ASN A 98 1.61 -7.17 -19.32
C ASN A 98 0.58 -7.91 -20.19
N LEU A 99 0.01 -7.19 -21.15
CA LEU A 99 -0.95 -7.78 -22.08
C LEU A 99 -0.22 -8.29 -23.31
N ARG A 100 -0.39 -9.57 -23.61
CA ARG A 100 0.16 -10.18 -24.82
C ARG A 100 -0.97 -10.77 -25.65
N VAL A 101 -0.65 -11.03 -26.91
CA VAL A 101 -1.63 -11.65 -27.80
C VAL A 101 -2.00 -13.05 -27.31
N GLY A 102 -1.08 -13.71 -26.60
CA GLY A 102 -1.31 -15.02 -26.05
C GLY A 102 -1.90 -15.08 -24.65
N ASN A 103 -1.98 -13.96 -23.92
CA ASN A 103 -2.56 -13.99 -22.59
C ASN A 103 -3.75 -13.06 -22.42
N ILE A 104 -4.10 -12.26 -23.44
CA ILE A 104 -5.15 -11.26 -23.29
C ILE A 104 -6.46 -11.90 -22.88
N MET A 105 -6.75 -13.10 -23.40
CA MET A 105 -8.02 -13.75 -23.09
C MET A 105 -8.07 -14.20 -21.64
N ALA A 106 -7.00 -14.83 -21.16
CA ALA A 106 -6.97 -15.28 -19.77
C ALA A 106 -6.93 -14.10 -18.80
N VAL A 107 -6.13 -13.07 -19.12
CA VAL A 107 -6.02 -11.91 -18.24
C VAL A 107 -7.36 -11.20 -18.11
N MET A 108 -8.07 -11.01 -19.23
CA MET A 108 -9.34 -10.29 -19.17
C MET A 108 -10.36 -11.05 -18.34
N ALA A 109 -10.49 -12.36 -18.61
CA ALA A 109 -11.41 -13.17 -17.82
C ALA A 109 -11.08 -13.07 -16.33
N THR A 110 -9.80 -13.18 -15.98
CA THR A 110 -9.41 -13.07 -14.58
C THR A 110 -9.75 -11.69 -14.02
N ALA A 111 -9.56 -10.64 -14.83
CA ALA A 111 -9.84 -9.28 -14.36
C ALA A 111 -11.31 -9.10 -14.03
N MET A 112 -12.20 -9.58 -14.90
CA MET A 112 -13.63 -9.48 -14.63
C MET A 112 -14.01 -10.23 -13.36
N TYR A 113 -13.43 -11.42 -13.16
CA TYR A 113 -13.68 -12.19 -11.94
C TYR A 113 -13.22 -11.42 -10.71
N LEU A 114 -12.00 -10.86 -10.77
CA LEU A 114 -11.47 -10.07 -9.66
C LEU A 114 -12.09 -8.68 -9.58
N GLN A 115 -12.95 -8.31 -10.53
CA GLN A 115 -13.64 -7.02 -10.53
C GLN A 115 -12.64 -5.86 -10.50
N MET A 116 -11.84 -5.78 -11.58
CA MET A 116 -10.89 -4.70 -11.78
C MET A 116 -11.32 -3.96 -13.04
N GLU A 117 -12.33 -3.09 -12.89
CA GLU A 117 -13.03 -2.54 -14.04
C GLU A 117 -12.12 -1.72 -14.95
N HIS A 118 -11.11 -1.06 -14.40
CA HIS A 118 -10.20 -0.31 -15.25
C HIS A 118 -9.33 -1.25 -16.09
N VAL A 119 -8.82 -2.32 -15.47
CA VAL A 119 -8.05 -3.30 -16.22
C VAL A 119 -8.92 -3.97 -17.29
N VAL A 120 -10.20 -4.18 -17.00
CA VAL A 120 -11.09 -4.75 -18.00
C VAL A 120 -11.22 -3.82 -19.19
N ASP A 121 -11.40 -2.53 -18.94
CA ASP A 121 -11.51 -1.55 -20.02
C ASP A 121 -10.24 -1.53 -20.86
N THR A 122 -9.07 -1.60 -20.23
CA THR A 122 -7.82 -1.61 -20.97
C THR A 122 -7.71 -2.88 -21.81
N CYS A 123 -8.16 -4.02 -21.28
CA CYS A 123 -8.14 -5.26 -22.06
C CYS A 123 -8.98 -5.14 -23.32
N ARG A 124 -10.11 -4.44 -23.24
CA ARG A 124 -10.93 -4.22 -24.43
C ARG A 124 -10.19 -3.39 -25.47
N LYS A 125 -9.60 -2.27 -25.04
CA LYS A 125 -8.81 -1.44 -25.95
C LYS A 125 -7.75 -2.28 -26.66
N PHE A 126 -7.04 -3.12 -25.90
CA PHE A 126 -6.05 -4.01 -26.49
C PHE A 126 -6.68 -4.93 -27.53
N ILE A 127 -7.86 -5.48 -27.21
CA ILE A 127 -8.57 -6.35 -28.15
C ILE A 127 -8.98 -5.58 -29.39
N LYS A 128 -9.59 -4.40 -29.20
CA LYS A 128 -10.01 -3.59 -30.34
C LYS A 128 -8.83 -3.21 -31.22
N ALA A 129 -7.68 -2.93 -30.60
CA ALA A 129 -6.49 -2.52 -31.33
C ALA A 129 -5.75 -3.69 -31.98
N SER A 130 -6.27 -4.91 -31.88
CA SER A 130 -5.64 -6.06 -32.49
C SER A 130 -6.51 -6.75 -33.53
N GLU A 131 -7.80 -6.40 -33.62
CA GLU A 131 -8.70 -6.99 -34.61
C GLU A 131 -8.36 -6.50 -36.03
N SER B 9 6.94 -1.55 -23.14
CA SER B 9 6.66 -2.97 -23.25
C SER B 9 5.33 -3.33 -22.59
N GLN B 10 5.30 -3.20 -21.26
CA GLN B 10 4.08 -3.40 -20.49
C GLN B 10 3.28 -2.11 -20.43
N ILE B 11 1.98 -2.24 -20.20
CA ILE B 11 1.10 -1.08 -20.15
C ILE B 11 1.18 -0.46 -18.76
N GLN B 12 1.49 0.84 -18.70
CA GLN B 12 1.69 1.54 -17.44
C GLN B 12 0.43 2.29 -17.04
N PHE B 13 -0.08 2.00 -15.85
CA PHE B 13 -1.22 2.73 -15.28
C PHE B 13 -0.66 3.86 -14.43
N THR B 14 -0.73 5.07 -14.96
CA THR B 14 -0.09 6.23 -14.34
C THR B 14 -0.78 6.67 -13.05
N ARG B 15 -2.06 6.35 -12.88
CA ARG B 15 -2.80 6.72 -11.68
C ARG B 15 -2.97 5.56 -10.71
N HIS B 16 -2.40 4.40 -11.00
CA HIS B 16 -2.69 3.21 -10.20
C HIS B 16 -2.09 3.31 -8.80
N ALA B 17 -0.77 3.57 -8.71
CA ALA B 17 -0.12 3.65 -7.42
C ALA B 17 -0.79 4.67 -6.51
N SER B 18 -1.23 5.78 -7.08
CA SER B 18 -1.90 6.81 -6.29
C SER B 18 -3.30 6.37 -5.86
N ASP B 19 -4.03 5.68 -6.73
CA ASP B 19 -5.35 5.17 -6.36
C ASP B 19 -5.26 4.07 -5.31
N VAL B 20 -4.21 3.25 -5.35
CA VAL B 20 -4.01 2.25 -4.30
C VAL B 20 -3.80 2.92 -2.95
N LEU B 21 -2.94 3.95 -2.91
CA LEU B 21 -2.67 4.64 -1.65
C LEU B 21 -3.93 5.31 -1.12
N LEU B 22 -4.76 5.83 -2.02
CA LEU B 22 -6.02 6.42 -1.59
C LEU B 22 -6.94 5.38 -0.95
N ASN B 23 -7.02 4.20 -1.56
CA ASN B 23 -7.87 3.16 -0.97
C ASN B 23 -7.30 2.64 0.34
N LEU B 24 -5.97 2.61 0.47
CA LEU B 24 -5.38 2.22 1.75
C LEU B 24 -5.77 3.21 2.84
N ASN B 25 -5.77 4.50 2.53
CA ASN B 25 -6.16 5.51 3.51
C ASN B 25 -7.63 5.37 3.88
N ARG B 26 -8.48 5.04 2.90
CA ARG B 26 -9.88 4.80 3.20
C ARG B 26 -10.05 3.64 4.17
N LEU B 27 -9.24 2.59 4.00
CA LEU B 27 -9.26 1.48 4.96
C LEU B 27 -8.81 1.95 6.34
N ARG B 28 -7.81 2.84 6.38
CA ARG B 28 -7.39 3.40 7.66
C ARG B 28 -8.49 4.25 8.29
N SER B 29 -9.25 4.97 7.48
CA SER B 29 -10.33 5.80 8.02
C SER B 29 -11.45 4.95 8.62
N ARG B 30 -11.68 3.76 8.08
CA ARG B 30 -12.72 2.87 8.59
C ARG B 30 -12.15 1.79 9.51
N ASP B 31 -10.84 1.79 9.73
CA ASP B 31 -10.16 0.87 10.65
C ASP B 31 -10.29 -0.58 10.17
N ILE B 32 -10.18 -0.76 8.86
CA ILE B 32 -10.22 -2.09 8.26
C ILE B 32 -8.79 -2.62 8.18
N LEU B 33 -8.52 -3.72 8.89
CA LEU B 33 -7.25 -4.42 8.85
C LEU B 33 -6.08 -3.59 9.40
N THR B 34 -6.37 -2.54 10.16
CA THR B 34 -5.31 -1.91 10.94
C THR B 34 -4.77 -2.93 11.93
N ASP B 35 -3.44 -3.00 12.05
CA ASP B 35 -2.80 -4.08 12.80
C ASP B 35 -1.76 -3.57 13.80
N VAL B 36 -1.68 -2.27 14.06
CA VAL B 36 -0.76 -1.75 15.06
C VAL B 36 -1.33 -0.44 15.59
N VAL B 37 -1.04 -0.18 16.87
CA VAL B 37 -1.38 1.09 17.51
C VAL B 37 -0.07 1.79 17.84
N ILE B 38 0.14 2.95 17.24
CA ILE B 38 1.30 3.77 17.52
C ILE B 38 0.90 4.82 18.55
N VAL B 39 1.63 4.86 19.66
CA VAL B 39 1.30 5.72 20.80
C VAL B 39 2.37 6.80 20.91
N VAL B 40 1.94 8.05 20.85
CA VAL B 40 2.81 9.20 21.03
C VAL B 40 2.20 10.04 22.15
N SER B 41 3.04 10.43 23.11
CA SER B 41 2.56 10.94 24.38
C SER B 41 1.50 9.98 24.92
N ARG B 42 0.24 10.40 24.89
CA ARG B 42 -0.87 9.53 25.26
C ARG B 42 -1.86 9.32 24.12
N GLU B 43 -1.58 9.85 22.93
CA GLU B 43 -2.47 9.69 21.79
C GLU B 43 -2.15 8.39 21.06
N GLN B 44 -3.21 7.68 20.65
CA GLN B 44 -3.09 6.44 19.90
C GLN B 44 -3.37 6.70 18.43
N PHE B 45 -2.57 6.09 17.56
CA PHE B 45 -2.74 6.19 16.12
C PHE B 45 -2.78 4.78 15.55
N ARG B 46 -3.86 4.43 14.87
CA ARG B 46 -4.02 3.11 14.28
C ARG B 46 -3.58 3.14 12.83
N ALA B 47 -2.78 2.15 12.42
CA ALA B 47 -2.21 2.14 11.09
C ALA B 47 -2.00 0.70 10.62
N HIS B 48 -1.60 0.59 9.36
CA HIS B 48 -1.15 -0.68 8.78
C HIS B 48 0.37 -0.71 8.81
N LYS B 49 0.93 -1.80 9.35
CA LYS B 49 2.38 -1.89 9.51
C LYS B 49 3.09 -1.79 8.16
N THR B 50 2.54 -2.44 7.12
CA THR B 50 3.20 -2.41 5.82
C THR B 50 3.34 -0.99 5.30
N VAL B 51 2.31 -0.16 5.47
CA VAL B 51 2.40 1.22 5.01
C VAL B 51 3.46 1.97 5.82
N LEU B 52 3.57 1.66 7.13
CA LEU B 52 4.56 2.32 7.97
C LEU B 52 5.98 1.92 7.59
N MET B 53 6.22 0.62 7.35
CA MET B 53 7.55 0.18 6.97
C MET B 53 7.96 0.71 5.62
N ALA B 54 7.00 0.91 4.71
CA ALA B 54 7.32 1.41 3.38
C ALA B 54 7.65 2.90 3.38
N CYS B 55 7.25 3.63 4.42
CA CYS B 55 7.47 5.08 4.48
C CYS B 55 8.53 5.50 5.49
N SER B 56 8.86 4.66 6.46
CA SER B 56 9.69 5.07 7.59
C SER B 56 10.83 4.08 7.80
N GLY B 57 12.06 4.60 7.87
CA GLY B 57 13.19 3.76 8.21
C GLY B 57 13.12 3.24 9.64
N LEU B 58 12.50 4.01 10.53
CA LEU B 58 12.31 3.55 11.91
C LEU B 58 11.33 2.38 11.96
N PHE B 59 10.13 2.57 11.42
CA PHE B 59 9.15 1.49 11.42
C PHE B 59 9.62 0.30 10.58
N TYR B 60 10.49 0.54 9.60
CA TYR B 60 11.08 -0.59 8.87
C TYR B 60 11.96 -1.42 9.80
N SER B 61 12.88 -0.77 10.51
CA SER B 61 13.78 -1.49 11.40
C SER B 61 13.02 -2.15 12.54
N ILE B 62 11.94 -1.53 13.01
CA ILE B 62 11.18 -2.10 14.12
C ILE B 62 10.48 -3.39 13.70
N PHE B 63 9.72 -3.34 12.62
CA PHE B 63 8.92 -4.48 12.23
C PHE B 63 9.69 -5.53 11.45
N THR B 64 10.88 -5.21 10.95
CA THR B 64 11.76 -6.25 10.41
C THR B 64 12.30 -7.13 11.52
N ASP B 65 12.47 -6.57 12.71
CA ASP B 65 12.94 -7.32 13.89
C ASP B 65 11.90 -8.37 14.30
N GLN B 66 12.31 -9.64 14.30
CA GLN B 66 11.41 -10.72 14.67
C GLN B 66 10.96 -10.67 16.13
N LEU B 67 11.62 -9.87 16.96
CA LEU B 67 11.16 -9.70 18.34
C LEU B 67 9.95 -8.79 18.40
N LYS B 68 9.90 -7.76 17.55
CA LYS B 68 8.82 -6.77 17.56
C LYS B 68 7.86 -6.92 16.40
N ARG B 69 8.13 -7.82 15.45
CA ARG B 69 7.43 -7.85 14.16
C ARG B 69 5.91 -7.91 14.32
N ASN B 70 5.42 -8.63 15.33
CA ASN B 70 3.99 -8.85 15.50
C ASN B 70 3.41 -8.19 16.75
N LEU B 71 4.15 -7.26 17.38
CA LEU B 71 3.61 -6.52 18.51
C LEU B 71 2.37 -5.74 18.09
N SER B 72 1.44 -5.56 19.03
CA SER B 72 0.23 -4.80 18.77
C SER B 72 0.41 -3.31 19.00
N VAL B 73 1.29 -2.94 19.92
CA VAL B 73 1.44 -1.55 20.35
C VAL B 73 2.93 -1.20 20.30
N ILE B 74 3.23 -0.07 19.66
CA ILE B 74 4.57 0.50 19.64
C ILE B 74 4.49 1.87 20.29
N ASN B 75 5.30 2.10 21.32
CA ASN B 75 5.38 3.38 21.99
C ASN B 75 6.60 4.15 21.49
N LEU B 76 6.39 5.35 20.99
CA LEU B 76 7.48 6.17 20.51
C LEU B 76 8.07 6.99 21.66
N ASP B 77 9.27 7.48 21.44
CA ASP B 77 9.93 8.37 22.39
C ASP B 77 8.97 9.49 22.79
N PRO B 78 8.76 9.72 24.10
CA PRO B 78 7.82 10.78 24.51
C PRO B 78 8.27 12.19 24.14
N GLU B 79 9.49 12.36 23.63
CA GLU B 79 9.91 13.65 23.10
C GLU B 79 9.18 14.02 21.82
N ILE B 80 8.51 13.07 21.17
CA ILE B 80 7.95 13.29 19.85
C ILE B 80 6.59 13.97 19.97
N ASN B 81 6.37 14.98 19.14
CA ASN B 81 5.10 15.71 19.13
C ASN B 81 4.00 14.86 18.50
N PRO B 82 2.81 14.81 19.09
CA PRO B 82 1.72 14.04 18.48
C PRO B 82 1.18 14.69 17.22
N GLU B 83 0.87 15.99 17.29
CA GLU B 83 0.39 16.71 16.12
C GLU B 83 1.38 16.62 14.97
N GLY B 84 2.67 16.65 15.27
CA GLY B 84 3.67 16.47 14.23
C GLY B 84 3.62 15.07 13.63
N PHE B 85 3.57 14.06 14.48
CA PHE B 85 3.49 12.69 13.97
C PHE B 85 2.22 12.46 13.18
N ASN B 86 1.09 13.02 13.65
CA ASN B 86 -0.15 12.95 12.88
C ASN B 86 0.03 13.51 11.48
N ILE B 87 0.88 14.53 11.33
CA ILE B 87 1.14 15.13 10.02
C ILE B 87 1.97 14.18 9.16
N LEU B 88 2.95 13.50 9.76
CA LEU B 88 3.75 12.55 9.00
C LEU B 88 2.94 11.32 8.62
N LEU B 89 2.11 10.83 9.54
CA LEU B 89 1.26 9.69 9.25
C LEU B 89 0.31 10.02 8.10
N ASP B 90 -0.33 11.19 8.16
CA ASP B 90 -1.20 11.62 7.07
C ASP B 90 -0.43 11.67 5.75
N PHE B 91 0.79 12.21 5.77
CA PHE B 91 1.60 12.25 4.55
C PHE B 91 1.87 10.86 4.01
N MET B 92 2.07 9.88 4.92
CA MET B 92 2.32 8.51 4.50
C MET B 92 1.19 7.98 3.63
N TYR B 93 -0.05 8.21 4.05
CA TYR B 93 -1.22 7.66 3.37
C TYR B 93 -1.74 8.55 2.24
N THR B 94 -1.11 9.70 1.99
CA THR B 94 -1.65 10.66 1.02
C THR B 94 -0.63 11.26 0.06
N SER B 95 0.66 11.26 0.38
CA SER B 95 1.74 11.95 -0.34
C SER B 95 1.71 13.46 -0.14
N ARG B 96 0.83 13.99 0.71
CA ARG B 96 0.70 15.43 0.93
C ARG B 96 1.11 15.76 2.35
N LEU B 97 2.01 16.73 2.48
CA LEU B 97 2.53 17.17 3.77
C LEU B 97 1.92 18.53 4.13
N ASN B 98 1.33 18.63 5.31
CA ASN B 98 0.75 19.90 5.78
C ASN B 98 1.84 20.73 6.45
N LEU B 99 2.80 21.14 5.63
CA LEU B 99 3.97 21.87 6.12
C LEU B 99 3.64 23.35 6.27
N ARG B 100 3.80 23.88 7.47
CA ARG B 100 3.48 25.26 7.76
C ARG B 100 4.60 25.89 8.58
N VAL B 101 4.59 27.22 8.65
CA VAL B 101 5.60 27.94 9.43
C VAL B 101 5.55 27.51 10.89
N GLY B 102 4.35 27.35 11.43
CA GLY B 102 4.16 26.96 12.82
C GLY B 102 4.34 25.50 13.14
N ASN B 103 4.69 24.66 12.17
CA ASN B 103 4.91 23.25 12.48
C ASN B 103 6.11 22.63 11.78
N ILE B 104 6.85 23.39 10.96
CA ILE B 104 7.91 22.79 10.16
C ILE B 104 9.03 22.23 11.04
N MET B 105 9.37 22.96 12.11
CA MET B 105 10.39 22.46 13.04
C MET B 105 9.95 21.16 13.69
N ALA B 106 8.69 21.09 14.12
CA ALA B 106 8.18 19.86 14.71
C ALA B 106 8.07 18.75 13.68
N VAL B 107 7.68 19.10 12.45
CA VAL B 107 7.56 18.09 11.40
C VAL B 107 8.94 17.54 11.02
N MET B 108 9.92 18.43 10.87
CA MET B 108 11.27 17.99 10.49
C MET B 108 11.88 17.10 11.57
N ALA B 109 11.75 17.51 12.84
CA ALA B 109 12.29 16.71 13.94
C ALA B 109 11.64 15.33 13.99
N THR B 110 10.31 15.28 13.85
CA THR B 110 9.63 13.99 13.82
C THR B 110 10.05 13.18 12.60
N ALA B 111 10.29 13.84 11.48
CA ALA B 111 10.74 13.13 10.28
C ALA B 111 12.12 12.52 10.49
N MET B 112 13.03 13.24 11.15
CA MET B 112 14.33 12.66 11.45
C MET B 112 14.19 11.44 12.34
N TYR B 113 13.31 11.50 13.34
CA TYR B 113 13.13 10.39 14.26
C TYR B 113 12.60 9.15 13.55
N LEU B 114 11.57 9.32 12.70
CA LEU B 114 11.02 8.22 11.93
C LEU B 114 11.93 7.77 10.79
N GLN B 115 13.09 8.41 10.62
CA GLN B 115 14.03 8.11 9.55
C GLN B 115 13.35 8.20 8.18
N MET B 116 12.85 9.39 7.89
CA MET B 116 12.19 9.70 6.63
C MET B 116 13.04 10.76 5.94
N GLU B 117 14.05 10.31 5.19
CA GLU B 117 15.11 11.19 4.73
C GLU B 117 14.59 12.23 3.74
N HIS B 118 13.65 11.85 2.87
CA HIS B 118 13.17 12.79 1.86
C HIS B 118 12.37 13.93 2.48
N VAL B 119 11.59 13.63 3.53
CA VAL B 119 10.83 14.68 4.18
C VAL B 119 11.75 15.63 4.93
N VAL B 120 12.84 15.11 5.49
CA VAL B 120 13.81 15.98 6.15
C VAL B 120 14.47 16.90 5.14
N ASP B 121 14.84 16.37 3.96
CA ASP B 121 15.51 17.19 2.96
C ASP B 121 14.60 18.31 2.46
N THR B 122 13.31 18.02 2.30
CA THR B 122 12.37 19.06 1.87
C THR B 122 12.17 20.09 2.98
N CYS B 123 12.15 19.67 4.23
CA CYS B 123 12.02 20.61 5.34
C CYS B 123 13.20 21.58 5.36
N ARG B 124 14.43 21.07 5.22
CA ARG B 124 15.60 21.94 5.27
C ARG B 124 15.60 22.96 4.14
N LYS B 125 15.12 22.55 2.96
CA LYS B 125 15.04 23.48 1.83
C LYS B 125 14.17 24.69 2.15
N PHE B 126 13.02 24.46 2.78
CA PHE B 126 12.15 25.58 3.14
C PHE B 126 12.73 26.42 4.27
N ILE B 127 13.44 25.80 5.21
CA ILE B 127 14.11 26.58 6.26
C ILE B 127 15.21 27.45 5.65
N LYS B 128 16.08 26.84 4.84
CA LYS B 128 17.16 27.57 4.19
C LYS B 128 16.63 28.69 3.31
N ALA B 129 15.45 28.52 2.72
CA ALA B 129 14.86 29.58 1.91
C ALA B 129 14.41 30.75 2.75
N SER B 130 14.07 30.52 4.02
CA SER B 130 13.68 31.59 4.94
C SER B 130 14.90 32.18 5.64
CAB EHY C . -17.71 0.97 -4.27
CAC EHY C . -17.25 0.11 -3.29
CAD EHY C . -17.10 2.21 -4.48
CAE EHY C . -14.02 -1.71 -4.94
CAF EHY C . -13.28 -1.84 -6.11
CAG EHY C . -16.18 0.49 -2.48
CAH EHY C . -16.03 2.59 -3.67
CAI EHY C . -13.38 -1.40 -3.74
CAJ EHY C . -11.27 -1.34 -4.85
CAK EHY C . -13.24 1.66 -2.65
CAL EHY C . -14.50 2.10 -1.89
CAP EHY C . -11.46 0.12 -1.65
CAQ EHY C . -15.58 1.73 -2.68
CAR EHY C . -12.01 -1.17 -3.68
NAM EHY C . -11.90 -1.66 -6.07
NAN EHY C . -12.25 1.22 -1.67
NAO EHY C . -11.35 -0.91 -2.55
SAA EHY C . -10.52 0.02 -0.40
CAB EHY D . 17.11 0.83 2.63
CAC EHY D . 16.53 1.03 1.39
CAD EHY D . 16.75 -0.28 3.41
CAE EHY D . 14.36 2.26 4.89
CAF EHY D . 13.98 3.59 4.77
CAG EHY D . 15.58 0.11 0.91
CAH EHY D . 15.81 -1.19 2.92
CAI EHY D . 13.46 1.25 4.60
CAJ EHY D . 11.79 2.88 4.04
CAK EHY D . 12.89 -1.24 1.03
CAL EHY D . 14.26 -1.90 1.20
CAP EHY D . 11.51 -0.31 2.88
CAQ EHY D . 15.22 -0.99 1.67
CAR EHY D . 12.18 1.55 4.15
NAM EHY D . 12.69 3.90 4.34
NAN EHY D . 12.63 -0.27 2.12
NAO EHY D . 11.28 0.58 3.86
SAA EHY D . 10.37 -1.46 2.59
#